data_1PEW
#
_entry.id   1PEW
#
_cell.length_a   73.577
_cell.length_b   73.577
_cell.length_c   92.298
_cell.angle_alpha   90.00
_cell.angle_beta   90.00
_cell.angle_gamma   90.00
#
_symmetry.space_group_name_H-M   'P 41 2 2'
#
loop_
_entity.id
_entity.type
_entity.pdbx_description
1 polymer 'Jto2, a LAMBDA-6 TYPE IMMUNOGLOBULIN LIGHT CHAIN, VARIABLE DOMAIN'
2 non-polymer 'CADMIUM ION'
3 water water
#
_entity_poly.entity_id   1
_entity_poly.type   'polypeptide(L)'
_entity_poly.pdbx_seq_one_letter_code
;NFMLNQPHSVSESPGKTVTISCTRSSGNIASNYVQWYQQRSAPITVIYEDNQRPSGVPDRFAGSIDRSSNSASLTISGLK
TEDEADYYCQSYDARNVVFGGGTRLTVLG
;
_entity_poly.pdbx_strand_id   A,B
#
loop_
_chem_comp.id
_chem_comp.type
_chem_comp.name
_chem_comp.formula
CD non-polymer 'CADMIUM ION' 'Cd 2'
#
# COMPACT_ATOMS: atom_id res chain seq x y z
N ASN A 1 -7.69 -3.21 -12.99
CA ASN A 1 -6.41 -3.92 -12.70
C ASN A 1 -6.03 -3.81 -11.23
N PHE A 2 -4.72 -3.75 -10.96
CA PHE A 2 -4.20 -3.60 -9.60
C PHE A 2 -2.89 -2.82 -9.57
N MET A 3 -2.46 -2.42 -8.37
CA MET A 3 -1.12 -1.91 -8.18
C MET A 3 -0.36 -2.81 -7.19
N LEU A 4 0.97 -2.69 -7.22
CA LEU A 4 1.82 -3.37 -6.26
C LEU A 4 2.57 -2.34 -5.47
N ASN A 5 2.42 -2.40 -4.14
CA ASN A 5 3.05 -1.42 -3.27
C ASN A 5 4.15 -2.02 -2.42
N GLN A 6 5.28 -1.35 -2.45
CA GLN A 6 6.42 -1.71 -1.61
C GLN A 6 6.91 -0.50 -0.85
N PRO A 7 7.59 -0.73 0.26
CA PRO A 7 8.22 0.37 1.03
C PRO A 7 9.31 1.02 0.17
N HIS A 8 9.88 2.22 0.28
CA HIS A 8 10.90 2.62 -0.67
C HIS A 8 12.17 2.19 0.00
N SER A 9 12.22 2.06 1.16
CA SER A 9 13.55 1.78 1.71
C SER A 9 13.51 0.68 2.75
N VAL A 10 14.55 -0.15 2.75
CA VAL A 10 14.78 -1.08 3.85
C VAL A 10 16.30 -1.06 4.10
N SER A 11 16.71 -1.33 5.35
CA SER A 11 18.12 -1.37 5.66
C SER A 11 18.43 -2.48 6.65
N GLU A 12 19.68 -2.91 6.64
CA GLU A 12 20.16 -3.99 7.50
C GLU A 12 21.67 -4.04 7.41
N SER A 13 22.29 -4.68 8.41
CA SER A 13 23.72 -4.89 8.49
C SER A 13 24.12 -6.15 7.72
N PRO A 14 25.37 -6.25 7.25
CA PRO A 14 25.85 -7.46 6.58
C PRO A 14 25.69 -8.71 7.47
N GLY A 15 25.36 -9.84 6.85
CA GLY A 15 25.15 -11.10 7.54
C GLY A 15 23.73 -11.32 8.02
N LYS A 16 22.93 -10.24 8.01
CA LYS A 16 21.57 -10.27 8.55
C LYS A 16 20.54 -10.58 7.48
N THR A 17 19.30 -10.77 7.88
CA THR A 17 18.22 -11.07 6.92
C THR A 17 17.29 -9.87 6.78
N VAL A 18 16.93 -9.56 5.54
CA VAL A 18 15.98 -8.49 5.28
C VAL A 18 14.81 -8.96 4.39
N THR A 19 13.62 -8.38 4.58
CA THR A 19 12.45 -8.75 3.78
C THR A 19 11.85 -7.53 3.14
N ILE A 20 11.54 -7.64 1.85
CA ILE A 20 10.89 -6.57 1.12
C ILE A 20 9.54 -7.12 0.69
N SER A 21 8.46 -6.47 1.08
CA SER A 21 7.13 -6.97 0.73
C SER A 21 6.53 -6.17 -0.40
N CYS A 22 5.59 -6.80 -1.09
CA CYS A 22 4.94 -6.25 -2.26
C CYS A 22 3.47 -6.58 -2.08
N THR A 23 2.65 -5.57 -1.75
CA THR A 23 1.23 -5.80 -1.50
C THR A 23 0.45 -5.52 -2.77
N ARG A 24 -0.42 -6.46 -3.13
CA ARG A 24 -1.33 -6.29 -4.26
C ARG A 24 -2.64 -5.65 -3.80
N SER A 25 -3.11 -4.66 -4.55
CA SER A 25 -4.21 -3.82 -4.09
C SER A 25 -5.61 -4.43 -4.28
N SER A 26 -5.76 -5.20 -5.35
CA SER A 26 -7.04 -5.85 -5.67
C SER A 26 -6.77 -7.21 -6.31
N GLY A 27 -7.76 -8.10 -6.29
CA GLY A 27 -7.56 -9.46 -6.76
C GLY A 27 -6.68 -10.28 -5.83
N ASN A 28 -6.33 -11.49 -6.26
CA ASN A 28 -5.52 -12.39 -5.43
C ASN A 28 -4.07 -12.45 -5.90
N ILE A 29 -3.14 -12.27 -4.97
CA ILE A 29 -1.71 -12.32 -5.29
C ILE A 29 -1.36 -13.66 -5.97
N ALA A 30 -2.07 -14.73 -5.60
CA ALA A 30 -1.85 -16.07 -6.13
C ALA A 30 -2.25 -16.25 -7.61
N SER A 31 -3.06 -15.34 -8.14
CA SER A 31 -3.65 -15.50 -9.48
C SER A 31 -2.64 -15.31 -10.62
N ASN A 32 -1.57 -14.57 -10.33
CA ASN A 32 -0.53 -14.27 -11.31
C ASN A 32 0.87 -14.40 -10.71
N TYR A 33 1.80 -14.85 -11.54
CA TYR A 33 3.19 -15.02 -11.09
C TYR A 33 3.81 -13.68 -10.71
N VAL A 34 4.64 -13.72 -9.68
CA VAL A 34 5.35 -12.51 -9.25
C VAL A 34 6.84 -12.67 -9.53
N GLN A 35 7.42 -11.62 -10.13
CA GLN A 35 8.84 -11.56 -10.44
C GLN A 35 9.47 -10.48 -9.58
N TRP A 36 10.74 -10.64 -9.27
CA TRP A 36 11.51 -9.59 -8.61
C TRP A 36 12.72 -9.24 -9.44
N TYR A 37 12.97 -7.94 -9.56
CA TYR A 37 14.14 -7.46 -10.29
C TYR A 37 15.03 -6.65 -9.39
N GLN A 38 16.32 -6.73 -9.64
CA GLN A 38 17.32 -5.93 -8.95
C GLN A 38 17.89 -4.94 -9.96
N GLN A 39 18.05 -3.69 -9.52
CA GLN A 39 18.64 -2.68 -10.42
C GLN A 39 19.82 -1.85 -9.82
N SER A 41 22.62 0.16 -15.30
CA SER A 41 21.93 -0.82 -16.16
C SER A 41 20.47 -1.04 -15.83
N ALA A 42 19.84 -1.76 -16.75
CA ALA A 42 18.44 -2.14 -16.66
C ALA A 42 18.27 -3.06 -15.48
N PRO A 43 17.04 -3.23 -15.00
CA PRO A 43 16.78 -4.24 -13.98
C PRO A 43 17.12 -5.63 -14.49
N ILE A 44 17.64 -6.47 -13.59
CA ILE A 44 17.91 -7.87 -13.86
C ILE A 44 17.01 -8.73 -12.96
N THR A 45 16.56 -9.86 -13.50
CA THR A 45 15.69 -10.77 -12.79
C THR A 45 16.44 -11.44 -11.65
N VAL A 46 15.88 -11.37 -10.44
CA VAL A 46 16.41 -12.19 -9.35
C VAL A 46 15.45 -13.31 -8.89
N ILE A 47 14.15 -13.11 -9.10
CA ILE A 47 13.14 -14.13 -8.86
C ILE A 47 12.14 -14.08 -9.99
N TYR A 48 11.69 -15.24 -10.44
CA TYR A 48 10.55 -15.30 -11.36
C TYR A 48 9.58 -16.41 -10.93
N GLU A 49 8.35 -16.36 -11.45
CA GLU A 49 7.35 -17.35 -11.08
C GLU A 49 7.30 -17.54 -9.54
N ASP A 50 7.22 -16.42 -8.83
CA ASP A 50 7.05 -16.34 -7.36
C ASP A 50 8.31 -16.62 -6.58
N ASN A 51 9.06 -17.65 -6.97
CA ASN A 51 10.17 -18.10 -6.11
C ASN A 51 11.34 -18.78 -6.84
N GLN A 52 11.36 -18.67 -8.17
CA GLN A 52 12.43 -19.33 -8.93
C GLN A 52 13.62 -18.37 -9.10
N ARG A 53 14.83 -18.85 -8.80
CA ARG A 53 16.03 -18.07 -9.02
C ARG A 53 16.64 -18.40 -10.38
N PRO A 54 16.89 -17.39 -11.22
CA PRO A 54 17.69 -17.62 -12.43
C PRO A 54 19.08 -18.11 -12.10
N SER A 55 19.70 -18.72 -13.09
CA SER A 55 21.10 -19.09 -13.03
C SER A 55 21.95 -17.90 -12.59
N GLY A 56 22.85 -18.17 -11.64
CA GLY A 56 23.77 -17.16 -11.15
C GLY A 56 23.31 -16.33 -9.96
N VAL A 57 22.01 -16.33 -9.69
CA VAL A 57 21.47 -15.58 -8.56
C VAL A 57 21.71 -16.34 -7.26
N PRO A 58 22.37 -15.71 -6.29
CA PRO A 58 22.68 -16.39 -5.03
C PRO A 58 21.46 -16.98 -4.33
N ASP A 59 21.67 -18.15 -3.73
CA ASP A 59 20.61 -18.86 -3.01
C ASP A 59 20.04 -18.04 -1.85
N ARG A 60 20.80 -17.06 -1.39
CA ARG A 60 20.35 -16.14 -0.35
C ARG A 60 19.11 -15.31 -0.72
N PHE A 61 18.76 -15.29 -2.00
CA PHE A 61 17.58 -14.58 -2.47
C PHE A 61 16.41 -15.56 -2.56
N ALA A 62 15.35 -15.24 -1.84
CA ALA A 62 14.18 -16.09 -1.79
C ALA A 62 12.88 -15.32 -2.00
N GLY A 63 12.06 -15.84 -2.91
CA GLY A 63 10.72 -15.30 -3.13
C GLY A 63 9.67 -16.13 -2.41
N SER A 64 8.65 -15.45 -1.92
CA SER A 64 7.54 -16.12 -1.27
C SER A 64 6.25 -15.36 -1.57
N ILE A 65 5.17 -16.04 -1.38
CA ILE A 65 3.82 -15.51 -1.52
C ILE A 65 3.03 -15.70 -0.21
N ASP A 66 2.38 -14.67 0.24
CA ASP A 66 1.53 -14.75 1.41
C ASP A 66 0.12 -14.34 0.99
N ARG A 67 -0.72 -15.35 0.76
CA ARG A 67 -2.12 -15.13 0.39
C ARG A 67 -2.94 -14.39 1.44
N SER A 68 -2.61 -14.59 2.73
CA SER A 68 -3.34 -13.97 3.84
C SER A 68 -3.22 -12.45 3.88
N SER A 69 -2.06 -11.92 3.49
CA SER A 69 -1.84 -10.48 3.41
C SER A 69 -1.84 -9.99 1.97
N ASN A 70 -2.16 -10.90 1.05
CA ASN A 70 -2.23 -10.62 -0.39
C ASN A 70 -0.95 -9.99 -0.92
N SER A 71 0.17 -10.55 -0.50
CA SER A 71 1.47 -9.96 -0.75
C SER A 71 2.47 -11.00 -1.23
N ALA A 72 3.54 -10.47 -1.80
CA ALA A 72 4.70 -11.27 -2.18
C ALA A 72 5.88 -10.66 -1.44
N SER A 73 6.87 -11.49 -1.14
CA SER A 73 8.04 -10.98 -0.44
C SER A 73 9.32 -11.51 -1.05
N LEU A 74 10.34 -10.64 -1.06
CA LEU A 74 11.71 -11.01 -1.36
C LEU A 74 12.49 -10.97 -0.07
N THR A 75 13.06 -12.11 0.30
CA THR A 75 13.84 -12.20 1.52
C THR A 75 15.28 -12.44 1.15
N ILE A 76 16.18 -11.58 1.63
CA ILE A 76 17.60 -11.75 1.35
C ILE A 76 18.28 -12.09 2.65
N SER A 77 18.78 -13.31 2.76
CA SER A 77 19.46 -13.80 3.97
C SER A 77 20.96 -13.61 3.83
N GLY A 78 21.69 -13.56 4.93
CA GLY A 78 23.12 -13.42 4.83
C GLY A 78 23.58 -12.24 4.02
N LEU A 79 22.88 -11.14 4.18
CA LEU A 79 23.06 -9.89 3.46
C LEU A 79 24.53 -9.59 3.13
N LYS A 80 24.84 -9.20 1.91
CA LYS A 80 26.22 -8.86 1.57
C LYS A 80 26.20 -7.41 1.09
N THR A 81 27.33 -6.71 1.21
CA THR A 81 27.41 -5.31 0.79
C THR A 81 26.88 -5.15 -0.64
N GLU A 82 27.20 -6.15 -1.46
CA GLU A 82 26.89 -6.21 -2.89
C GLU A 82 25.40 -6.14 -3.16
N ASP A 83 24.59 -6.48 -2.15
CA ASP A 83 23.14 -6.53 -2.31
C ASP A 83 22.41 -5.18 -2.30
N GLU A 84 23.14 -4.12 -1.99
CA GLU A 84 22.59 -2.77 -2.03
C GLU A 84 22.16 -2.49 -3.46
N ALA A 85 20.89 -2.14 -3.62
CA ALA A 85 20.29 -2.02 -4.94
C ALA A 85 18.83 -1.66 -4.75
N ASP A 86 18.17 -1.27 -5.84
CA ASP A 86 16.71 -1.18 -5.82
C ASP A 86 16.13 -2.53 -6.20
N TYR A 87 15.06 -2.91 -5.55
CA TYR A 87 14.35 -4.15 -5.89
C TYR A 87 12.92 -3.81 -6.20
N TYR A 88 12.47 -4.29 -7.36
CA TYR A 88 11.10 -4.11 -7.85
C TYR A 88 10.36 -5.43 -7.94
N CYS A 89 9.12 -5.47 -7.45
CA CYS A 89 8.27 -6.63 -7.75
C CYS A 89 7.43 -6.33 -8.99
N GLN A 90 6.93 -7.38 -9.62
CA GLN A 90 6.20 -7.22 -10.87
C GLN A 90 5.23 -8.38 -11.01
N SER A 91 4.03 -8.10 -11.48
CA SER A 91 3.11 -9.15 -11.87
C SER A 91 2.31 -8.74 -13.10
N TYR A 92 1.22 -9.44 -13.39
CA TYR A 92 0.43 -9.20 -14.59
C TYR A 92 -1.06 -9.16 -14.27
N ASP A 93 -1.78 -8.31 -15.01
CA ASP A 93 -3.23 -8.29 -15.02
C ASP A 93 -3.69 -8.64 -16.42
N ALA A 94 -3.49 -9.91 -16.83
CA ALA A 94 -3.92 -10.48 -18.10
C ALA A 94 -3.41 -9.67 -19.27
N ARG A 95 -2.08 -9.57 -19.44
CA ARG A 95 -1.48 -8.77 -20.50
C ARG A 95 -0.54 -7.71 -19.94
N ASN A 96 -1.10 -6.56 -19.55
CA ASN A 96 -0.35 -5.42 -19.04
C ASN A 96 0.47 -5.71 -17.77
N VAL A 97 1.75 -5.33 -17.83
CA VAL A 97 2.66 -5.50 -16.72
C VAL A 97 2.39 -4.49 -15.61
N VAL A 98 2.42 -4.96 -14.37
CA VAL A 98 2.29 -4.10 -13.19
C VAL A 98 3.61 -4.15 -12.40
N PHE A 99 4.11 -2.97 -12.03
CA PHE A 99 5.35 -2.83 -11.29
C PHE A 99 5.13 -2.13 -9.99
N GLY A 100 5.80 -2.61 -8.95
CA GLY A 100 5.87 -1.90 -7.69
C GLY A 100 6.73 -0.66 -7.85
N GLY A 101 6.70 0.20 -6.83
CA GLY A 101 7.46 1.43 -6.84
C GLY A 101 8.94 1.26 -6.60
N GLY A 102 9.35 0.04 -6.21
CA GLY A 102 10.75 -0.27 -5.92
C GLY A 102 11.20 0.10 -4.52
N THR A 103 12.10 -0.71 -3.98
CA THR A 103 12.61 -0.54 -2.63
C THR A 103 14.13 -0.49 -2.68
N ARG A 104 14.72 0.54 -2.09
CA ARG A 104 16.17 0.58 -1.96
C ARG A 104 16.59 -0.15 -0.71
N LEU A 105 17.43 -1.16 -0.92
CA LEU A 105 18.08 -1.89 0.15
C LEU A 105 19.40 -1.17 0.40
N THR A 106 19.52 -0.56 1.57
CA THR A 106 20.79 -0.01 2.05
C THR A 106 21.42 -1.02 3.00
N VAL A 107 22.67 -1.37 2.74
CA VAL A 107 23.41 -2.28 3.60
C VAL A 107 24.32 -1.44 4.47
N LEU A 108 24.08 -1.52 5.77
CA LEU A 108 24.78 -0.72 6.77
C LEU A 108 26.25 -1.15 6.88
N GLY A 109 27.08 -0.30 7.48
CA GLY A 109 28.46 -0.64 7.73
C GLY A 109 29.48 0.27 7.07
N ASN B 1 -7.57 28.66 7.20
CA ASN B 1 -7.83 27.30 6.67
C ASN B 1 -8.77 26.49 7.57
N PHE B 2 -8.50 25.19 7.70
CA PHE B 2 -9.23 24.34 8.62
C PHE B 2 -8.39 23.16 9.06
N MET B 3 -8.97 22.34 9.93
CA MET B 3 -8.38 21.06 10.30
C MET B 3 -9.38 19.93 10.04
N LEU B 4 -8.85 18.76 9.69
CA LEU B 4 -9.68 17.57 9.53
C LEU B 4 -9.49 16.63 10.73
N ASN B 5 -10.59 16.07 11.24
CA ASN B 5 -10.54 15.22 12.44
C ASN B 5 -11.10 13.82 12.26
N GLN B 6 -10.24 12.82 12.48
CA GLN B 6 -10.66 11.42 12.48
C GLN B 6 -10.23 10.74 13.79
N PRO B 7 -10.99 9.74 14.24
CA PRO B 7 -10.65 9.02 15.48
C PRO B 7 -9.29 8.34 15.28
N HIS B 8 -8.52 8.20 16.35
CA HIS B 8 -7.21 7.57 16.19
C HIS B 8 -7.29 6.14 15.65
N SER B 9 -8.26 5.37 16.18
CA SER B 9 -8.28 3.93 15.95
C SER B 9 -9.68 3.42 15.74
N VAL B 10 -9.80 2.48 14.82
CA VAL B 10 -11.03 1.74 14.64
C VAL B 10 -10.71 0.25 14.67
N SER B 11 -11.47 -0.50 15.45
CA SER B 11 -11.34 -1.96 15.47
C SER B 11 -12.56 -2.57 14.79
N GLU B 12 -12.32 -3.62 14.01
CA GLU B 12 -13.40 -4.40 13.41
C GLU B 12 -12.92 -5.77 12.97
N SER B 13 -13.80 -6.76 13.12
CA SER B 13 -13.54 -8.14 12.70
C SER B 13 -13.65 -8.27 11.17
N PRO B 14 -12.86 -9.17 10.57
CA PRO B 14 -12.96 -9.43 9.12
C PRO B 14 -14.39 -9.64 8.62
N GLY B 15 -14.67 -9.18 7.41
CA GLY B 15 -15.96 -9.42 6.77
C GLY B 15 -17.05 -8.42 7.14
N LYS B 16 -16.73 -7.53 8.07
CA LYS B 16 -17.68 -6.53 8.54
C LYS B 16 -17.37 -5.16 7.94
N THR B 17 -18.28 -4.22 8.16
CA THR B 17 -18.21 -2.89 7.59
C THR B 17 -17.62 -1.90 8.59
N VAL B 18 -16.52 -1.25 8.20
CA VAL B 18 -15.95 -0.19 9.02
C VAL B 18 -16.15 1.18 8.37
N THR B 19 -16.47 2.18 9.20
CA THR B 19 -16.57 3.57 8.74
C THR B 19 -15.58 4.45 9.50
N ILE B 20 -14.76 5.18 8.74
CA ILE B 20 -13.81 6.14 9.26
C ILE B 20 -14.25 7.52 8.81
N SER B 21 -14.54 8.41 9.76
CA SER B 21 -15.03 9.73 9.39
C SER B 21 -14.02 10.84 9.67
N CYS B 22 -14.09 11.88 8.85
CA CYS B 22 -13.20 13.02 8.79
C CYS B 22 -14.06 14.29 8.83
N THR B 23 -13.93 15.06 9.91
CA THR B 23 -14.74 16.27 10.09
C THR B 23 -13.92 17.51 9.79
N ARG B 24 -14.51 18.41 9.02
CA ARG B 24 -13.90 19.69 8.71
C ARG B 24 -14.32 20.73 9.75
N SER B 25 -13.35 21.47 10.26
CA SER B 25 -13.54 22.33 11.43
C SER B 25 -14.13 23.69 11.11
N SER B 26 -14.02 24.10 9.85
CA SER B 26 -14.47 25.42 9.39
C SER B 26 -14.54 25.43 7.88
N GLY B 27 -15.53 26.15 7.35
CA GLY B 27 -15.86 26.08 5.94
C GLY B 27 -16.68 24.84 5.65
N ASN B 28 -17.25 24.80 4.45
CA ASN B 28 -18.08 23.69 3.98
C ASN B 28 -17.24 22.50 3.50
N ILE B 29 -17.54 21.30 4.01
CA ILE B 29 -16.93 20.09 3.52
C ILE B 29 -17.15 19.91 2.00
N ALA B 30 -18.30 20.38 1.50
CA ALA B 30 -18.65 20.24 0.10
C ALA B 30 -17.88 21.20 -0.80
N SER B 31 -17.36 22.27 -0.21
CA SER B 31 -16.73 23.36 -0.98
C SER B 31 -15.49 22.91 -1.76
N ASN B 32 -14.85 21.83 -1.31
CA ASN B 32 -13.63 21.33 -1.90
C ASN B 32 -13.58 19.82 -1.86
N TYR B 33 -12.93 19.24 -2.86
CA TYR B 33 -12.87 17.79 -2.98
C TYR B 33 -12.11 17.14 -1.83
N VAL B 34 -12.63 16.01 -1.39
CA VAL B 34 -11.95 15.21 -0.39
C VAL B 34 -11.29 14.00 -1.00
N GLN B 35 -10.00 13.86 -0.73
CA GLN B 35 -9.24 12.69 -1.10
C GLN B 35 -8.96 11.83 0.14
N TRP B 36 -8.89 10.52 -0.05
CA TRP B 36 -8.43 9.59 0.98
C TRP B 36 -7.17 8.86 0.53
N TYR B 37 -6.17 8.75 1.41
CA TYR B 37 -4.92 8.05 1.13
C TYR B 37 -4.70 6.87 2.07
N GLN B 38 -4.08 5.80 1.56
CA GLN B 38 -3.75 4.63 2.37
C GLN B 38 -2.21 4.52 2.46
N GLN B 39 -1.69 4.25 3.67
CA GLN B 39 -0.25 4.26 3.82
C GLN B 39 0.27 3.05 4.64
N SER B 41 6.56 3.68 3.01
CA SER B 41 6.02 4.01 1.64
C SER B 41 5.10 5.26 1.56
N ALA B 42 5.12 5.91 0.39
CA ALA B 42 4.31 7.12 0.15
C ALA B 42 2.82 6.83 0.18
N PRO B 43 2.02 7.84 0.54
CA PRO B 43 0.56 7.78 0.41
C PRO B 43 0.14 7.47 -1.02
N ILE B 44 -0.86 6.60 -1.16
CA ILE B 44 -1.47 6.29 -2.45
C ILE B 44 -2.96 6.60 -2.35
N THR B 45 -3.51 7.15 -3.43
CA THR B 45 -4.89 7.57 -3.44
C THR B 45 -5.82 6.35 -3.45
N VAL B 46 -6.75 6.27 -2.49
CA VAL B 46 -7.81 5.24 -2.51
C VAL B 46 -9.19 5.78 -2.80
N ILE B 47 -9.38 7.05 -2.46
CA ILE B 47 -10.52 7.81 -2.93
C ILE B 47 -10.04 9.18 -3.37
N TYR B 48 -10.56 9.65 -4.50
CA TYR B 48 -10.37 11.04 -4.88
C TYR B 48 -11.71 11.65 -5.32
N GLU B 49 -11.76 12.98 -5.24
CA GLU B 49 -12.94 13.73 -5.60
C GLU B 49 -14.16 13.19 -4.85
N ASP B 50 -13.98 13.06 -3.53
CA ASP B 50 -15.01 12.59 -2.59
C ASP B 50 -15.31 11.09 -2.63
N ASN B 51 -15.48 10.52 -3.82
CA ASN B 51 -16.01 9.16 -3.90
C ASN B 51 -15.50 8.33 -5.10
N GLN B 52 -14.44 8.79 -5.77
CA GLN B 52 -13.92 8.07 -6.93
C GLN B 52 -12.82 7.12 -6.49
N ARG B 53 -12.95 5.84 -6.85
CA ARG B 53 -11.88 4.86 -6.69
C ARG B 53 -10.94 4.92 -7.90
N PRO B 54 -9.64 5.16 -7.71
CA PRO B 54 -8.67 4.98 -8.80
C PRO B 54 -8.59 3.50 -9.23
N SER B 55 -8.02 3.26 -10.40
CA SER B 55 -7.82 1.90 -10.92
C SER B 55 -7.00 1.13 -9.89
N GLY B 56 -7.36 -0.10 -9.62
CA GLY B 56 -6.62 -0.92 -8.67
C GLY B 56 -7.23 -0.93 -7.29
N VAL B 57 -8.16 -0.03 -7.00
CA VAL B 57 -8.75 0.05 -5.68
C VAL B 57 -10.06 -0.72 -5.63
N PRO B 58 -10.18 -1.69 -4.72
CA PRO B 58 -11.38 -2.56 -4.67
C PRO B 58 -12.68 -1.83 -4.33
N ASP B 59 -13.78 -2.37 -4.87
CA ASP B 59 -15.11 -1.77 -4.75
C ASP B 59 -15.60 -1.68 -3.30
N ARG B 60 -15.08 -2.54 -2.44
CA ARG B 60 -15.41 -2.48 -1.01
C ARG B 60 -15.01 -1.16 -0.34
N PHE B 61 -14.16 -0.37 -1.01
CA PHE B 61 -13.83 0.99 -0.52
C PHE B 61 -14.79 2.04 -1.07
N ALA B 62 -15.35 2.84 -0.18
CA ALA B 62 -16.35 3.82 -0.62
C ALA B 62 -16.17 5.13 0.12
N GLY B 63 -16.12 6.23 -0.64
CA GLY B 63 -16.04 7.55 -0.09
C GLY B 63 -17.39 8.23 -0.11
N SER B 64 -17.67 8.99 0.93
CA SER B 64 -18.92 9.74 1.04
C SER B 64 -18.74 11.08 1.75
N ILE B 65 -19.67 11.98 1.50
CA ILE B 65 -19.75 13.28 2.17
C ILE B 65 -21.08 13.43 2.90
N ASP B 66 -21.00 13.88 4.13
CA ASP B 66 -22.20 14.18 4.90
C ASP B 66 -22.26 15.68 5.24
N ARG B 67 -22.99 16.45 4.45
CA ARG B 67 -23.04 17.88 4.71
C ARG B 67 -23.61 18.18 6.10
N SER B 68 -24.48 17.31 6.59
CA SER B 68 -25.20 17.54 7.84
C SER B 68 -24.29 17.44 9.04
N SER B 69 -23.12 16.83 8.85
CA SER B 69 -22.12 16.75 9.90
C SER B 69 -20.79 17.40 9.48
N ASN B 70 -20.82 18.06 8.32
CA ASN B 70 -19.62 18.69 7.74
C ASN B 70 -18.46 17.73 7.68
N SER B 71 -18.74 16.51 7.24
CA SER B 71 -17.74 15.45 7.30
C SER B 71 -17.66 14.66 6.03
N ALA B 72 -16.51 14.02 5.84
CA ALA B 72 -16.31 13.03 4.80
C ALA B 72 -16.05 11.69 5.49
N SER B 73 -16.43 10.60 4.83
CA SER B 73 -16.28 9.25 5.38
C SER B 73 -15.69 8.29 4.35
N LEU B 74 -14.81 7.41 4.84
CA LEU B 74 -14.35 6.28 4.06
C LEU B 74 -14.96 5.04 4.69
N THR B 75 -15.69 4.27 3.89
CA THR B 75 -16.39 3.09 4.37
C THR B 75 -15.85 1.84 3.69
N ILE B 76 -15.41 0.87 4.48
CA ILE B 76 -14.88 -0.39 3.92
C ILE B 76 -15.79 -1.56 4.27
N SER B 77 -16.42 -2.16 3.26
CA SER B 77 -17.26 -3.33 3.45
C SER B 77 -16.38 -4.58 3.39
N GLY B 78 -16.81 -5.64 4.07
CA GLY B 78 -16.08 -6.91 4.07
C GLY B 78 -14.58 -6.80 4.31
N LEU B 79 -14.19 -6.33 5.49
CA LEU B 79 -12.79 -6.05 5.82
C LEU B 79 -11.79 -7.16 5.52
N LYS B 80 -10.56 -6.76 5.19
CA LYS B 80 -9.46 -7.69 4.93
C LYS B 80 -8.18 -7.26 5.64
N THR B 81 -7.34 -8.22 6.02
CA THR B 81 -6.13 -7.92 6.82
C THR B 81 -5.12 -7.02 6.09
N GLU B 82 -5.09 -7.11 4.76
CA GLU B 82 -4.28 -6.22 3.93
C GLU B 82 -4.70 -4.74 4.10
N ASP B 83 -5.97 -4.53 4.48
CA ASP B 83 -6.51 -3.17 4.72
C ASP B 83 -5.92 -2.50 5.97
N GLU B 84 -5.17 -3.26 6.77
CA GLU B 84 -4.47 -2.69 7.92
C GLU B 84 -3.44 -1.65 7.48
N ALA B 85 -3.67 -0.40 7.87
CA ALA B 85 -2.85 0.74 7.44
C ALA B 85 -3.15 2.01 8.22
N ASP B 86 -2.46 3.10 7.77
CA ASP B 86 -2.82 4.47 8.14
C ASP B 86 -3.76 4.99 7.04
N TYR B 87 -4.92 5.51 7.43
CA TYR B 87 -5.86 6.13 6.47
C TYR B 87 -5.92 7.62 6.76
N TYR B 88 -5.65 8.44 5.75
CA TYR B 88 -5.69 9.90 5.86
C TYR B 88 -6.66 10.52 4.89
N CYS B 89 -7.44 11.51 5.35
CA CYS B 89 -8.24 12.34 4.45
C CYS B 89 -7.47 13.61 4.13
N GLN B 90 -7.88 14.30 3.06
CA GLN B 90 -7.20 15.50 2.63
C GLN B 90 -8.13 16.35 1.76
N SER B 91 -8.09 17.67 1.94
CA SER B 91 -8.86 18.57 1.09
C SER B 91 -8.08 19.88 0.89
N TYR B 92 -8.67 20.85 0.21
CA TYR B 92 -7.99 22.11 -0.10
C TYR B 92 -8.69 23.29 0.55
N ASP B 93 -7.90 24.35 0.77
CA ASP B 93 -8.35 25.62 1.29
C ASP B 93 -7.77 26.73 0.43
N ALA B 94 -8.40 26.99 -0.71
CA ALA B 94 -7.95 28.01 -1.67
C ALA B 94 -6.42 28.08 -1.80
N ARG B 95 -5.84 27.05 -2.41
CA ARG B 95 -4.39 26.91 -2.50
C ARG B 95 -3.88 25.74 -1.68
N ASN B 96 -3.39 26.06 -0.48
CA ASN B 96 -2.89 25.06 0.50
C ASN B 96 -3.82 23.87 0.80
N VAL B 97 -3.28 22.86 1.48
CA VAL B 97 -4.01 21.62 1.73
C VAL B 97 -3.92 21.16 3.19
N VAL B 98 -4.81 20.23 3.57
CA VAL B 98 -4.95 19.78 4.96
C VAL B 98 -5.14 18.27 5.06
N PHE B 99 -4.53 17.65 6.06
CA PHE B 99 -4.65 16.22 6.32
C PHE B 99 -5.30 15.88 7.66
N GLY B 100 -6.10 14.82 7.69
CA GLY B 100 -6.57 14.27 8.95
C GLY B 100 -5.44 13.60 9.72
N GLY B 101 -5.63 13.47 11.04
CA GLY B 101 -4.68 12.84 11.92
C GLY B 101 -4.46 11.35 11.66
N GLY B 102 -5.34 10.73 10.86
CA GLY B 102 -5.24 9.34 10.46
C GLY B 102 -5.97 8.41 11.40
N THR B 103 -6.29 7.21 10.88
CA THR B 103 -7.01 6.23 11.68
C THR B 103 -6.43 4.86 11.44
N ARG B 104 -6.03 4.17 12.51
CA ARG B 104 -5.58 2.80 12.37
C ARG B 104 -6.76 1.85 12.41
N LEU B 105 -6.96 1.18 11.29
CA LEU B 105 -7.89 0.08 11.24
C LEU B 105 -7.13 -1.19 11.61
N THR B 106 -7.54 -1.81 12.71
CA THR B 106 -7.02 -3.13 13.07
C THR B 106 -8.10 -4.16 12.77
N VAL B 107 -7.68 -5.25 12.16
CA VAL B 107 -8.59 -6.33 11.85
C VAL B 107 -8.41 -7.44 12.88
N LEU B 108 -9.47 -7.69 13.64
CA LEU B 108 -9.43 -8.54 14.82
C LEU B 108 -9.44 -10.05 14.52
N GLY B 109 -9.26 -10.86 15.56
CA GLY B 109 -9.33 -12.30 15.43
C GLY B 109 -8.01 -12.98 15.08
CD CD C . 16.82 4.00 -5.85
CD CD D . -12.03 13.94 -12.10
CD CD E . -15.22 -1.09 -9.66
CD CD F . 0.48 6.12 11.89
#